data_1DUT
#
_entry.id   1DUT
#
_cell.length_a   79.800
_cell.length_b   79.800
_cell.length_c   86.950
_cell.angle_alpha   90.00
_cell.angle_beta   90.00
_cell.angle_gamma   120.00
#
_symmetry.space_group_name_H-M   'P 63'
#
loop_
_entity.id
_entity.type
_entity.pdbx_description
1 polymer 'DUTP PYROPHOSPHATASE'
2 non-polymer 'MAGNESIUM ION'
3 water water
#
_entity_poly.entity_id   1
_entity_poly.type   'polypeptide(L)'
_entity_poly.pdbx_seq_one_letter_code
;MIIEGDGILDKRSEDAGYDLLAAKEIHLLPGEVKVIPTGVKLMLPKGYWGLIIGKSSIGSKGLDVLGGVIDEGYRGEIGV
IMINVSRKSITLMERQKIAQLIILPCKHEVLEQGKVVMDSERGDNGYGSTGVF
;
_entity_poly.pdbx_strand_id   A,B
#
loop_
_chem_comp.id
_chem_comp.type
_chem_comp.name
_chem_comp.formula
MG non-polymer 'MAGNESIUM ION' 'Mg 2'
#
# COMPACT_ATOMS: atom_id res chain seq x y z
N MET A 1 10.44 -3.83 8.64
CA MET A 1 10.17 -5.15 9.28
C MET A 1 9.61 -6.06 8.21
N ILE A 2 9.73 -7.38 8.43
CA ILE A 2 9.21 -8.43 7.55
C ILE A 2 7.69 -8.59 7.72
N ILE A 3 6.96 -8.57 6.61
CA ILE A 3 5.54 -8.78 6.61
C ILE A 3 5.25 -9.79 5.50
N GLU A 4 4.06 -10.36 5.52
CA GLU A 4 3.64 -11.30 4.50
C GLU A 4 2.22 -10.85 4.21
N GLY A 5 1.85 -10.59 2.97
CA GLY A 5 0.48 -10.20 2.70
C GLY A 5 0.39 -8.82 2.12
N ASP A 6 -0.73 -8.47 1.49
CA ASP A 6 -0.90 -7.15 0.89
C ASP A 6 -2.02 -6.30 1.55
N GLY A 7 -2.43 -6.75 2.74
CA GLY A 7 -3.45 -6.03 3.47
C GLY A 7 -2.93 -4.91 4.38
N ILE A 8 -1.68 -4.49 4.18
CA ILE A 8 -1.09 -3.42 4.99
C ILE A 8 -0.33 -2.55 4.02
N LEU A 9 -0.48 -1.23 4.14
CA LEU A 9 0.17 -0.28 3.24
C LEU A 9 1.35 0.51 3.87
N ASP A 10 2.26 0.92 3.02
CA ASP A 10 3.42 1.69 3.40
C ASP A 10 2.90 3.01 3.88
N LYS A 11 3.50 3.56 4.92
CA LYS A 11 3.07 4.84 5.42
C LYS A 11 4.17 5.87 5.19
N ARG A 12 3.84 7.17 5.20
CA ARG A 12 4.83 8.24 5.11
C ARG A 12 5.56 8.25 6.46
N SER A 13 6.85 8.60 6.47
CA SER A 13 7.66 8.64 7.72
C SER A 13 7.02 9.42 8.85
N GLU A 14 6.29 10.47 8.46
CA GLU A 14 5.59 11.39 9.34
C GLU A 14 4.31 10.83 9.92
N ASP A 15 3.72 9.81 9.27
CA ASP A 15 2.48 9.20 9.77
C ASP A 15 2.73 8.31 10.94
N ALA A 16 1.78 8.23 11.86
CA ALA A 16 2.02 7.42 13.04
C ALA A 16 1.75 5.98 12.77
N GLY A 17 0.78 5.70 11.89
CA GLY A 17 0.47 4.29 11.60
C GLY A 17 0.25 3.87 10.15
N TYR A 18 0.18 2.56 9.98
CA TYR A 18 -0.01 1.92 8.71
C TYR A 18 -1.46 1.56 8.57
N ASP A 19 -2.07 1.80 7.43
CA ASP A 19 -3.48 1.43 7.19
C ASP A 19 -3.63 -0.06 6.97
N LEU A 20 -4.68 -0.64 7.55
CA LEU A 20 -4.93 -2.06 7.45
C LEU A 20 -6.21 -2.18 6.59
N LEU A 21 -6.29 -3.19 5.72
CA LEU A 21 -7.41 -3.36 4.74
C LEU A 21 -8.20 -4.63 4.98
N ALA A 22 -9.51 -4.55 4.81
CA ALA A 22 -10.39 -5.70 5.00
C ALA A 22 -10.09 -6.69 3.87
N ALA A 23 -9.90 -7.97 4.19
CA ALA A 23 -9.58 -8.96 3.18
C ALA A 23 -10.82 -9.42 2.48
N LYS A 24 -11.98 -9.05 3.00
CA LYS A 24 -13.22 -9.42 2.35
C LYS A 24 -14.33 -8.60 2.89
N GLU A 25 -15.44 -8.59 2.14
CA GLU A 25 -16.64 -7.82 2.44
C GLU A 25 -17.31 -8.39 3.70
N ILE A 26 -17.67 -7.46 4.57
CA ILE A 26 -18.23 -7.81 5.86
C ILE A 26 -19.49 -7.00 6.06
N HIS A 27 -20.51 -7.65 6.59
CA HIS A 27 -21.77 -6.98 6.85
C HIS A 27 -21.96 -6.99 8.35
N LEU A 28 -22.25 -5.83 8.95
CA LEU A 28 -22.49 -5.74 10.41
C LEU A 28 -23.76 -5.06 10.80
N LEU A 29 -24.61 -5.82 11.46
CA LEU A 29 -25.85 -5.29 11.93
C LEU A 29 -25.58 -4.64 13.24
N PRO A 30 -26.54 -3.81 13.69
CA PRO A 30 -26.37 -3.12 14.97
C PRO A 30 -26.08 -4.12 16.08
N GLY A 31 -24.99 -3.88 16.80
CA GLY A 31 -24.66 -4.73 17.92
C GLY A 31 -23.85 -5.97 17.61
N GLU A 32 -23.55 -6.20 16.34
CA GLU A 32 -22.78 -7.36 15.94
C GLU A 32 -21.27 -7.13 16.07
N VAL A 33 -20.52 -8.14 16.54
CA VAL A 33 -19.04 -8.07 16.67
C VAL A 33 -18.51 -9.12 15.70
N LYS A 34 -17.52 -8.79 14.92
CA LYS A 34 -16.96 -9.73 14.00
C LYS A 34 -15.47 -9.52 13.94
N VAL A 35 -14.72 -10.59 13.71
CA VAL A 35 -13.28 -10.47 13.59
C VAL A 35 -12.97 -10.39 12.10
N ILE A 36 -12.58 -9.23 11.64
CA ILE A 36 -12.29 -8.97 10.24
C ILE A 36 -10.86 -9.35 9.86
N PRO A 37 -10.68 -10.28 8.88
CA PRO A 37 -9.36 -10.74 8.41
C PRO A 37 -8.66 -9.69 7.54
N THR A 38 -7.35 -9.55 7.66
CA THR A 38 -6.60 -8.57 6.85
C THR A 38 -5.63 -9.30 5.92
N GLY A 39 -5.40 -10.59 6.22
CA GLY A 39 -4.47 -11.38 5.44
C GLY A 39 -2.98 -11.14 5.74
N VAL A 40 -2.60 -10.20 6.61
CA VAL A 40 -1.19 -9.97 6.87
C VAL A 40 -0.62 -10.61 8.13
N LYS A 41 0.64 -11.02 8.06
CA LYS A 41 1.37 -11.60 9.18
C LYS A 41 2.58 -10.70 9.17
N LEU A 42 3.20 -10.52 10.32
CA LEU A 42 4.40 -9.67 10.43
C LEU A 42 5.36 -10.05 11.57
N MET A 43 6.57 -9.52 11.49
CA MET A 43 7.56 -9.75 12.54
C MET A 43 7.85 -8.36 13.10
N LEU A 44 7.29 -8.05 14.26
CA LEU A 44 7.48 -6.74 14.85
C LEU A 44 8.93 -6.66 15.31
N PRO A 45 9.49 -5.44 15.26
CA PRO A 45 10.89 -5.27 15.71
C PRO A 45 11.03 -5.55 17.20
N LYS A 46 12.14 -6.15 17.61
CA LYS A 46 12.40 -6.46 19.02
C LYS A 46 12.39 -5.16 19.83
N GLY A 47 11.68 -5.16 20.94
CA GLY A 47 11.58 -3.99 21.81
C GLY A 47 10.31 -3.19 21.68
N TYR A 48 9.40 -3.62 20.80
CA TYR A 48 8.17 -2.91 20.48
C TYR A 48 6.94 -3.84 20.46
N TRP A 49 5.75 -3.24 20.39
CA TRP A 49 4.47 -3.98 20.30
C TRP A 49 3.65 -3.13 19.32
N GLY A 50 2.51 -3.66 18.84
CA GLY A 50 1.70 -2.90 17.92
C GLY A 50 0.31 -2.63 18.48
N LEU A 51 -0.18 -1.41 18.27
CA LEU A 51 -1.49 -1.00 18.73
C LEU A 51 -2.40 -0.84 17.52
N ILE A 52 -3.55 -1.52 17.50
CA ILE A 52 -4.51 -1.42 16.41
C ILE A 52 -5.54 -0.45 16.91
N ILE A 53 -5.81 0.57 16.12
CA ILE A 53 -6.72 1.59 16.52
C ILE A 53 -7.56 1.95 15.30
N GLY A 54 -8.76 2.43 15.54
CA GLY A 54 -9.64 2.77 14.45
C GLY A 54 -9.42 4.05 13.71
N LYS A 55 -9.72 4.00 12.42
CA LYS A 55 -9.64 5.16 11.56
C LYS A 55 -10.83 6.07 11.80
N SER A 56 -10.58 7.39 11.72
CA SER A 56 -11.62 8.40 11.93
C SER A 56 -12.73 8.24 10.89
N SER A 57 -12.39 7.90 9.66
CA SER A 57 -13.38 7.69 8.63
C SER A 57 -14.38 6.61 9.03
N ILE A 58 -13.92 5.48 9.57
CA ILE A 58 -14.87 4.47 9.99
C ILE A 58 -15.42 4.73 11.40
N GLY A 59 -14.67 5.37 12.28
CA GLY A 59 -15.17 5.65 13.60
C GLY A 59 -16.36 6.56 13.53
N SER A 60 -16.39 7.45 12.54
CA SER A 60 -17.49 8.39 12.43
C SER A 60 -18.76 7.75 11.94
N LYS A 61 -18.64 6.49 11.47
CA LYS A 61 -19.80 5.70 11.03
C LYS A 61 -20.37 4.92 12.23
N GLY A 62 -19.69 4.96 13.38
CA GLY A 62 -20.17 4.25 14.54
C GLY A 62 -19.66 2.83 14.64
N LEU A 63 -18.44 2.60 14.16
CA LEU A 63 -17.81 1.29 14.24
C LEU A 63 -16.62 1.41 15.20
N ASP A 64 -16.44 0.49 16.15
CA ASP A 64 -15.31 0.58 17.08
C ASP A 64 -14.37 -0.60 16.93
N VAL A 65 -13.12 -0.42 17.35
CA VAL A 65 -12.14 -1.50 17.34
C VAL A 65 -12.03 -1.94 18.79
N LEU A 66 -12.12 -3.24 19.06
CA LEU A 66 -12.03 -3.80 20.40
C LEU A 66 -10.68 -4.57 20.57
N GLY A 67 -10.20 -4.73 21.78
CA GLY A 67 -8.92 -5.39 21.94
C GLY A 67 -7.90 -4.46 21.30
N GLY A 68 -6.97 -5.03 20.54
CA GLY A 68 -5.97 -4.22 19.83
C GLY A 68 -4.49 -4.26 20.20
N VAL A 69 -4.03 -5.27 20.93
CA VAL A 69 -2.63 -5.40 21.27
C VAL A 69 -1.98 -6.54 20.47
N ILE A 70 -0.93 -6.24 19.69
CA ILE A 70 -0.18 -7.29 18.99
C ILE A 70 1.19 -7.29 19.72
N ASP A 71 1.51 -8.41 20.37
CA ASP A 71 2.76 -8.58 21.08
C ASP A 71 3.85 -8.89 20.07
N GLU A 72 5.07 -8.49 20.38
CA GLU A 72 6.21 -8.69 19.50
C GLU A 72 6.30 -10.11 19.00
N GLY A 73 5.90 -11.07 19.85
CA GLY A 73 5.97 -12.47 19.45
C GLY A 73 4.84 -13.01 18.59
N TYR A 74 3.82 -12.23 18.28
CA TYR A 74 2.71 -12.73 17.48
C TYR A 74 3.11 -13.00 16.04
N ARG A 75 2.82 -14.21 15.57
CA ARG A 75 3.15 -14.64 14.22
C ARG A 75 1.96 -15.03 13.37
N GLY A 76 0.78 -15.06 13.96
CA GLY A 76 -0.41 -15.41 13.18
C GLY A 76 -0.89 -14.25 12.31
N GLU A 77 -1.96 -14.49 11.56
CA GLU A 77 -2.51 -13.43 10.73
C GLU A 77 -3.22 -12.38 11.61
N ILE A 78 -3.16 -11.14 11.22
CA ILE A 78 -3.80 -10.09 11.99
C ILE A 78 -5.32 -9.93 11.64
N GLY A 79 -6.17 -10.06 12.65
CA GLY A 79 -7.59 -9.90 12.47
C GLY A 79 -8.00 -8.72 13.32
N VAL A 80 -8.93 -7.90 12.87
CA VAL A 80 -9.33 -6.75 13.65
C VAL A 80 -10.72 -7.03 14.22
N ILE A 81 -10.91 -6.93 15.52
CA ILE A 81 -12.20 -7.14 16.16
C ILE A 81 -12.99 -5.85 16.05
N MET A 82 -14.10 -5.84 15.29
CA MET A 82 -14.91 -4.63 15.08
C MET A 82 -16.34 -4.81 15.54
N ILE A 83 -16.97 -3.78 16.08
CA ILE A 83 -18.39 -3.88 16.46
C ILE A 83 -19.06 -2.69 15.87
N ASN A 84 -20.33 -2.91 15.51
CA ASN A 84 -21.18 -1.84 15.02
C ASN A 84 -21.98 -1.34 16.24
N VAL A 85 -21.56 -0.24 16.86
CA VAL A 85 -22.23 0.32 18.01
C VAL A 85 -23.29 1.41 17.65
N SER A 86 -23.47 1.61 16.35
CA SER A 86 -24.47 2.57 15.82
C SER A 86 -25.82 1.85 15.67
N ARG A 87 -26.86 2.55 15.24
CA ARG A 87 -28.16 1.91 15.07
C ARG A 87 -28.44 1.61 13.63
N LYS A 88 -27.40 1.62 12.83
CA LYS A 88 -27.55 1.32 11.43
C LYS A 88 -26.56 0.24 10.99
N SER A 89 -27.06 -0.60 10.09
CA SER A 89 -26.40 -1.70 9.46
C SER A 89 -25.27 -1.13 8.56
N ILE A 90 -24.12 -1.78 8.52
CA ILE A 90 -23.02 -1.27 7.70
C ILE A 90 -22.35 -2.38 6.88
N THR A 91 -21.89 -2.05 5.68
CA THR A 91 -21.18 -3.04 4.87
C THR A 91 -19.77 -2.51 4.63
N LEU A 92 -18.78 -3.32 4.98
CA LEU A 92 -17.39 -2.94 4.76
C LEU A 92 -16.99 -3.67 3.48
N MET A 93 -16.55 -2.92 2.48
CA MET A 93 -16.14 -3.54 1.22
C MET A 93 -14.75 -4.15 1.29
N GLU A 94 -14.50 -5.12 0.41
CA GLU A 94 -13.24 -5.79 0.38
C GLU A 94 -12.21 -4.73 0.11
N ARG A 95 -11.10 -4.86 0.83
CA ARG A 95 -9.99 -3.97 0.72
C ARG A 95 -10.22 -2.53 1.12
N GLN A 96 -11.23 -2.33 1.94
CA GLN A 96 -11.54 -1.01 2.52
C GLN A 96 -10.54 -0.78 3.70
N LYS A 97 -10.08 0.45 3.94
CA LYS A 97 -9.18 0.71 5.10
C LYS A 97 -10.01 0.66 6.38
N ILE A 98 -9.75 -0.28 7.27
CA ILE A 98 -10.58 -0.39 8.48
C ILE A 98 -9.93 0.04 9.78
N ALA A 99 -8.60 0.12 9.81
CA ALA A 99 -7.88 0.48 11.04
C ALA A 99 -6.41 0.76 10.73
N GLN A 100 -5.69 1.12 11.79
CA GLN A 100 -4.28 1.43 11.71
C GLN A 100 -3.49 0.69 12.76
N LEU A 101 -2.28 0.30 12.38
CA LEU A 101 -1.35 -0.38 13.25
C LEU A 101 -0.24 0.62 13.58
N ILE A 102 -0.06 0.90 14.86
CA ILE A 102 0.96 1.85 15.32
C ILE A 102 1.98 1.12 16.19
N ILE A 103 3.27 1.26 15.90
CA ILE A 103 4.39 0.61 16.65
C ILE A 103 4.86 1.47 17.84
N LEU A 104 4.75 0.88 19.03
CA LEU A 104 5.09 1.53 20.25
C LEU A 104 6.12 0.73 21.07
N PRO A 105 6.96 1.42 21.84
CA PRO A 105 7.97 0.75 22.64
C PRO A 105 7.46 0.02 23.85
N CYS A 106 8.13 -1.06 24.16
CA CYS A 106 7.87 -1.94 25.29
C CYS A 106 8.61 -1.54 26.56
N LYS A 107 7.98 -1.70 27.70
CA LYS A 107 8.58 -1.41 28.99
C LYS A 107 8.32 -2.57 29.96
N HIS A 108 9.39 -3.22 30.42
CA HIS A 108 9.29 -4.32 31.38
C HIS A 108 9.68 -3.89 32.78
N GLU A 109 8.79 -4.10 33.74
CA GLU A 109 9.07 -3.77 35.10
C GLU A 109 8.86 -5.05 35.90
N VAL A 110 9.73 -5.36 36.86
CA VAL A 110 9.47 -6.53 37.69
C VAL A 110 8.45 -6.07 38.72
N LEU A 111 7.65 -7.00 39.19
CA LEU A 111 6.62 -6.58 40.12
C LEU A 111 7.12 -6.86 41.50
N GLU A 112 7.11 -5.84 42.36
CA GLU A 112 7.56 -6.03 43.73
C GLU A 112 6.42 -5.81 44.71
N GLN A 113 6.05 -6.84 45.45
CA GLN A 113 4.99 -6.74 46.42
C GLN A 113 5.47 -5.91 47.58
N GLY A 114 4.78 -4.81 47.81
CA GLY A 114 5.14 -3.90 48.89
C GLY A 114 3.92 -3.17 49.43
N LYS A 115 4.10 -1.91 49.77
CA LYS A 115 2.99 -1.13 50.28
C LYS A 115 3.06 0.18 49.52
N VAL A 116 2.05 0.45 48.73
CA VAL A 116 2.08 1.68 47.97
C VAL A 116 1.81 2.81 48.97
N VAL A 117 2.67 3.83 48.95
CA VAL A 117 2.60 4.98 49.84
C VAL A 117 2.28 6.31 49.10
N MET B 1 19.87 10.25 -7.25
CA MET B 1 18.82 10.80 -8.13
C MET B 1 17.93 11.77 -7.34
N ILE B 2 17.62 12.89 -7.97
CA ILE B 2 16.84 13.88 -7.30
C ILE B 2 15.44 13.61 -7.68
N ILE B 3 14.59 13.47 -6.67
CA ILE B 3 13.17 13.20 -6.86
C ILE B 3 12.40 14.22 -6.06
N GLU B 4 11.11 14.29 -6.32
CA GLU B 4 10.22 15.19 -5.61
C GLU B 4 8.92 14.45 -5.36
N GLY B 5 8.68 14.04 -4.11
CA GLY B 5 7.44 13.37 -3.79
C GLY B 5 7.48 12.15 -2.91
N ASP B 6 6.29 11.76 -2.46
CA ASP B 6 6.08 10.61 -1.57
C ASP B 6 5.86 9.23 -2.20
N GLY B 7 5.47 9.22 -3.46
CA GLY B 7 5.13 7.98 -4.16
C GLY B 7 6.18 7.06 -4.73
N ILE B 8 7.43 7.24 -4.34
CA ILE B 8 8.46 6.38 -4.85
C ILE B 8 9.28 5.92 -3.68
N LEU B 9 9.52 4.61 -3.57
CA LEU B 9 10.31 4.07 -2.45
C LEU B 9 11.71 3.64 -2.84
N ASP B 10 12.61 3.69 -1.87
CA ASP B 10 14.02 3.31 -2.06
C ASP B 10 13.99 1.84 -2.32
N LYS B 11 15.09 1.33 -2.88
CA LYS B 11 15.13 -0.10 -3.23
C LYS B 11 16.41 -0.78 -2.76
N ARG B 12 16.40 -2.10 -2.51
CA ARG B 12 17.62 -2.77 -2.08
C ARG B 12 18.42 -2.92 -3.37
N SER B 13 19.74 -2.87 -3.29
CA SER B 13 20.57 -3.03 -4.48
C SER B 13 20.39 -4.41 -5.14
N GLU B 14 19.71 -5.33 -4.47
CA GLU B 14 19.44 -6.65 -5.01
C GLU B 14 18.17 -6.63 -5.88
N ASP B 15 17.50 -5.47 -5.88
CA ASP B 15 16.26 -5.23 -6.61
C ASP B 15 16.49 -4.52 -7.94
N ALA B 16 15.67 -4.82 -8.96
CA ALA B 16 15.75 -4.20 -10.28
C ALA B 16 15.21 -2.78 -10.31
N GLY B 17 14.05 -2.59 -9.70
CA GLY B 17 13.47 -1.26 -9.71
C GLY B 17 12.86 -0.77 -8.44
N TYR B 18 12.31 0.44 -8.52
CA TYR B 18 11.68 1.18 -7.44
C TYR B 18 10.16 1.08 -7.42
N ASP B 19 9.55 0.86 -6.26
CA ASP B 19 8.10 0.77 -6.19
C ASP B 19 7.44 2.13 -6.37
N LEU B 20 6.34 2.18 -7.14
CA LEU B 20 5.58 3.40 -7.39
C LEU B 20 4.23 3.25 -6.67
N LEU B 21 3.79 4.28 -5.94
CA LEU B 21 2.55 4.26 -5.14
C LEU B 21 1.44 5.14 -5.75
N ALA B 22 0.18 4.69 -5.64
CA ALA B 22 -0.95 5.51 -6.13
C ALA B 22 -1.09 6.69 -5.19
N ALA B 23 -1.30 7.89 -5.76
CA ALA B 23 -1.50 9.13 -4.98
C ALA B 23 -2.97 9.34 -4.57
N LYS B 24 -3.91 8.80 -5.36
CA LYS B 24 -5.31 8.93 -5.06
C LYS B 24 -5.88 7.55 -5.11
N GLU B 25 -7.12 7.45 -4.68
CA GLU B 25 -7.84 6.20 -4.71
C GLU B 25 -8.45 6.22 -6.10
N ILE B 26 -8.38 5.11 -6.84
CA ILE B 26 -8.95 5.04 -8.20
C ILE B 26 -9.80 3.81 -8.44
N HIS B 27 -10.98 3.98 -9.04
CA HIS B 27 -11.84 2.83 -9.33
C HIS B 27 -11.93 2.50 -10.84
N LEU B 28 -11.72 1.22 -11.18
CA LEU B 28 -11.70 0.70 -12.56
C LEU B 28 -12.72 -0.37 -12.90
N LEU B 29 -13.56 -0.05 -13.87
CA LEU B 29 -14.56 -0.99 -14.33
C LEU B 29 -13.86 -1.78 -15.44
N PRO B 30 -14.39 -2.96 -15.79
CA PRO B 30 -13.80 -3.79 -16.84
C PRO B 30 -13.67 -3.07 -18.20
N GLY B 31 -12.44 -3.10 -18.74
CA GLY B 31 -12.10 -2.47 -20.00
C GLY B 31 -11.79 -0.99 -19.88
N GLU B 32 -11.87 -0.44 -18.67
CA GLU B 32 -11.61 0.98 -18.45
C GLU B 32 -10.10 1.25 -18.31
N VAL B 33 -9.60 2.26 -19.02
CA VAL B 33 -8.17 2.65 -18.96
C VAL B 33 -8.16 3.96 -18.18
N LYS B 34 -7.23 4.10 -17.24
CA LYS B 34 -7.11 5.31 -16.45
C LYS B 34 -5.63 5.57 -16.28
N VAL B 35 -5.27 6.84 -16.11
CA VAL B 35 -3.88 7.17 -15.87
C VAL B 35 -3.92 7.33 -14.36
N ILE B 36 -2.95 6.74 -13.68
CA ILE B 36 -2.84 6.82 -12.23
C ILE B 36 -1.70 7.78 -11.85
N PRO B 37 -1.97 8.76 -10.95
CA PRO B 37 -0.91 9.69 -10.55
C PRO B 37 -0.15 9.07 -9.41
N THR B 38 1.16 9.33 -9.36
CA THR B 38 1.98 8.83 -8.28
C THR B 38 2.43 10.04 -7.43
N GLY B 39 2.33 11.23 -8.01
CA GLY B 39 2.75 12.41 -7.29
C GLY B 39 4.26 12.69 -7.39
N VAL B 40 5.06 11.75 -7.87
CA VAL B 40 6.51 11.94 -7.96
C VAL B 40 7.03 12.55 -9.26
N LYS B 41 8.07 13.36 -9.13
CA LYS B 41 8.75 13.98 -10.26
C LYS B 41 10.21 13.64 -10.00
N LEU B 42 10.97 13.28 -11.02
CA LEU B 42 12.38 12.94 -10.80
C LEU B 42 13.25 13.44 -11.91
N MET B 43 14.55 13.43 -11.69
CA MET B 43 15.48 13.86 -12.72
C MET B 43 16.40 12.69 -12.97
N LEU B 44 16.20 12.02 -14.11
CA LEU B 44 16.99 10.85 -14.47
C LEU B 44 18.45 11.11 -14.82
N PRO B 45 19.32 10.13 -14.53
CA PRO B 45 20.75 10.25 -14.83
C PRO B 45 20.83 10.42 -16.33
N LYS B 46 21.86 11.13 -16.78
CA LYS B 46 22.04 11.39 -18.20
C LYS B 46 22.42 10.10 -18.96
N GLY B 47 21.68 9.80 -20.02
CA GLY B 47 21.97 8.60 -20.76
C GLY B 47 21.08 7.44 -20.37
N TYR B 48 20.08 7.72 -19.55
CA TYR B 48 19.15 6.69 -19.13
C TYR B 48 17.75 7.14 -19.31
N TRP B 49 16.85 6.18 -19.32
CA TRP B 49 15.45 6.46 -19.45
C TRP B 49 14.81 5.57 -18.38
N GLY B 50 13.51 5.72 -18.15
CA GLY B 50 12.86 4.89 -17.15
C GLY B 50 11.74 4.03 -17.71
N LEU B 51 11.78 2.75 -17.38
CA LEU B 51 10.77 1.83 -17.86
C LEU B 51 9.79 1.57 -16.74
N ILE B 52 8.51 1.83 -16.95
CA ILE B 52 7.53 1.55 -15.92
C ILE B 52 6.94 0.21 -16.32
N ILE B 53 6.98 -0.74 -15.38
CA ILE B 53 6.50 -2.10 -15.58
C ILE B 53 5.58 -2.49 -14.42
N GLY B 54 4.56 -3.28 -14.69
CA GLY B 54 3.61 -3.66 -13.64
C GLY B 54 4.17 -4.56 -12.55
N LYS B 55 3.56 -4.53 -11.37
CA LYS B 55 3.99 -5.37 -10.25
C LYS B 55 3.24 -6.69 -10.33
N SER B 56 3.94 -7.77 -10.05
CA SER B 56 3.37 -9.11 -10.13
C SER B 56 2.06 -9.26 -9.38
N SER B 57 1.93 -8.53 -8.28
CA SER B 57 0.76 -8.52 -7.41
C SER B 57 -0.51 -7.99 -8.09
N ILE B 58 -0.34 -6.91 -8.83
CA ILE B 58 -1.46 -6.30 -9.52
C ILE B 58 -1.59 -6.98 -10.88
N GLY B 59 -0.49 -7.53 -11.36
CA GLY B 59 -0.49 -8.24 -12.62
C GLY B 59 -1.34 -9.46 -12.48
N SER B 60 -1.23 -10.12 -11.35
CA SER B 60 -2.03 -11.32 -11.12
C SER B 60 -3.50 -10.98 -10.84
N LYS B 61 -3.81 -9.69 -10.75
CA LYS B 61 -5.19 -9.25 -10.54
C LYS B 61 -5.87 -8.90 -11.88
N GLY B 62 -5.08 -8.81 -12.95
CA GLY B 62 -5.65 -8.49 -14.24
C GLY B 62 -5.48 -7.05 -14.68
N LEU B 63 -4.56 -6.32 -14.09
CA LEU B 63 -4.33 -4.93 -14.47
C LEU B 63 -3.05 -4.89 -15.25
N ASP B 64 -3.05 -4.23 -16.39
CA ASP B 64 -1.84 -4.19 -17.15
C ASP B 64 -1.38 -2.75 -17.20
N VAL B 65 -0.09 -2.55 -17.48
CA VAL B 65 0.46 -1.21 -17.61
C VAL B 65 0.73 -0.98 -19.10
N LEU B 66 0.23 0.14 -19.64
CA LEU B 66 0.41 0.51 -21.03
C LEU B 66 1.45 1.62 -21.06
N GLY B 67 2.13 1.79 -22.20
CA GLY B 67 3.20 2.78 -22.29
C GLY B 67 4.29 2.36 -21.32
N GLY B 68 5.00 3.32 -20.75
CA GLY B 68 6.00 2.94 -19.79
C GLY B 68 7.33 3.54 -20.03
N VAL B 69 7.44 4.54 -20.90
CA VAL B 69 8.73 5.18 -21.17
C VAL B 69 8.82 6.56 -20.55
N ILE B 70 9.76 6.77 -19.64
CA ILE B 70 9.94 8.07 -19.04
C ILE B 70 11.24 8.49 -19.68
N ASP B 71 11.18 9.56 -20.46
CA ASP B 71 12.37 10.07 -21.15
C ASP B 71 13.27 10.80 -20.20
N GLU B 72 14.56 10.73 -20.47
CA GLU B 72 15.58 11.38 -19.68
C GLU B 72 15.25 12.85 -19.52
N GLY B 73 14.69 13.46 -20.56
CA GLY B 73 14.31 14.86 -20.48
C GLY B 73 13.02 15.18 -19.70
N TYR B 74 12.20 14.16 -19.45
CA TYR B 74 10.93 14.33 -18.73
C TYR B 74 11.09 14.81 -17.30
N ARG B 75 10.38 15.89 -17.00
CA ARG B 75 10.43 16.52 -15.69
C ARG B 75 9.06 16.67 -15.01
N GLY B 76 7.98 16.25 -15.67
CA GLY B 76 6.63 16.29 -15.08
C GLY B 76 6.34 15.23 -14.01
N GLU B 77 5.11 15.20 -13.52
CA GLU B 77 4.75 14.22 -12.50
C GLU B 77 4.49 12.91 -13.22
N ILE B 78 4.99 11.82 -12.66
CA ILE B 78 4.83 10.49 -13.21
C ILE B 78 3.41 9.89 -13.04
N GLY B 79 2.86 9.36 -14.12
CA GLY B 79 1.53 8.81 -14.08
C GLY B 79 1.63 7.48 -14.75
N VAL B 80 0.79 6.53 -14.34
CA VAL B 80 0.83 5.19 -14.87
C VAL B 80 -0.47 4.84 -15.54
N ILE B 81 -0.39 4.44 -16.81
CA ILE B 81 -1.54 4.05 -17.62
C ILE B 81 -1.87 2.60 -17.23
N MET B 82 -3.11 2.37 -16.83
CA MET B 82 -3.53 1.08 -16.38
C MET B 82 -4.87 0.70 -16.93
N ILE B 83 -5.02 -0.50 -17.49
CA ILE B 83 -6.32 -1.03 -18.00
C ILE B 83 -6.72 -2.21 -17.11
N ASN B 84 -8.00 -2.27 -16.78
CA ASN B 84 -8.55 -3.35 -15.99
C ASN B 84 -8.90 -4.29 -17.12
N VAL B 85 -8.00 -5.21 -17.45
CA VAL B 85 -8.24 -6.17 -18.53
C VAL B 85 -8.86 -7.43 -17.95
N SER B 86 -9.62 -7.28 -16.87
CA SER B 86 -10.25 -8.42 -16.25
C SER B 86 -11.76 -8.25 -16.40
N ARG B 87 -12.50 -9.10 -15.70
CA ARG B 87 -13.94 -9.04 -15.74
C ARG B 87 -14.36 -8.45 -14.39
N LYS B 88 -13.37 -8.19 -13.53
CA LYS B 88 -13.62 -7.65 -12.21
C LYS B 88 -13.45 -6.15 -12.16
N SER B 89 -14.27 -5.50 -11.33
CA SER B 89 -14.22 -4.06 -11.10
C SER B 89 -13.15 -3.98 -10.00
N ILE B 90 -12.18 -3.07 -10.10
CA ILE B 90 -11.12 -2.98 -9.09
C ILE B 90 -10.87 -1.54 -8.58
N THR B 91 -10.65 -1.37 -7.28
CA THR B 91 -10.36 -0.05 -6.72
C THR B 91 -8.92 -0.12 -6.24
N LEU B 92 -8.09 0.83 -6.63
CA LEU B 92 -6.74 0.81 -6.14
C LEU B 92 -6.74 1.86 -5.02
N MET B 93 -6.10 1.52 -3.92
CA MET B 93 -6.05 2.39 -2.77
C MET B 93 -4.87 3.39 -2.80
N GLU B 94 -5.11 4.55 -2.19
CA GLU B 94 -4.09 5.57 -2.09
C GLU B 94 -2.93 4.94 -1.31
N ARG B 95 -1.71 5.09 -1.79
CA ARG B 95 -0.49 4.52 -1.19
C ARG B 95 -0.23 3.03 -1.44
N GLN B 96 -1.06 2.46 -2.28
CA GLN B 96 -0.94 1.08 -2.67
C GLN B 96 0.13 1.00 -3.78
N LYS B 97 0.94 -0.04 -3.78
CA LYS B 97 1.96 -0.21 -4.80
C LYS B 97 1.31 -0.61 -6.13
N ILE B 98 1.59 0.14 -7.20
CA ILE B 98 0.99 -0.13 -8.50
C ILE B 98 1.93 -0.58 -9.65
N ALA B 99 3.19 -0.14 -9.64
CA ALA B 99 4.14 -0.45 -10.69
C ALA B 99 5.50 -0.34 -10.11
N GLN B 100 6.47 -0.38 -11.00
CA GLN B 100 7.84 -0.34 -10.61
C GLN B 100 8.65 0.42 -11.65
N LEU B 101 9.60 1.24 -11.24
CA LEU B 101 10.41 2.01 -12.19
C LEU B 101 11.80 1.42 -12.25
N ILE B 102 12.28 1.08 -13.45
CA ILE B 102 13.62 0.53 -13.63
C ILE B 102 14.40 1.49 -14.50
N ILE B 103 15.66 1.72 -14.15
CA ILE B 103 16.51 2.66 -14.89
C ILE B 103 17.40 1.88 -15.84
N LEU B 104 17.23 2.15 -17.13
CA LEU B 104 17.94 1.49 -18.19
C LEU B 104 18.67 2.50 -19.08
N PRO B 105 19.82 2.08 -19.69
CA PRO B 105 20.65 2.89 -20.59
C PRO B 105 20.05 2.98 -22.01
N CYS B 106 20.09 4.17 -22.60
CA CYS B 106 19.51 4.37 -23.93
C CYS B 106 20.57 4.63 -24.97
N LYS B 107 20.44 3.98 -26.12
CA LYS B 107 21.40 4.14 -27.22
C LYS B 107 20.96 5.15 -28.29
N HIS B 108 21.75 6.19 -28.51
CA HIS B 108 21.42 7.16 -29.54
C HIS B 108 22.21 6.81 -30.82
N GLU B 109 21.50 6.49 -31.90
CA GLU B 109 22.12 6.13 -33.16
C GLU B 109 21.63 7.10 -34.24
N VAL B 110 22.43 7.35 -35.27
CA VAL B 110 21.97 8.24 -36.35
C VAL B 110 21.18 7.43 -37.36
N LEU B 111 20.04 7.95 -37.77
CA LEU B 111 19.24 7.24 -38.75
C LEU B 111 19.79 7.51 -40.13
N GLU B 112 20.24 6.45 -40.79
CA GLU B 112 20.78 6.56 -42.12
C GLU B 112 20.03 5.67 -43.08
N GLN B 113 19.45 6.31 -44.09
CA GLN B 113 18.69 5.63 -45.12
C GLN B 113 19.65 4.82 -45.97
N GLY B 114 19.23 3.63 -46.39
CA GLY B 114 20.11 2.81 -47.19
C GLY B 114 19.34 1.58 -47.57
N LYS B 115 20.04 0.50 -47.87
CA LYS B 115 19.37 -0.73 -48.23
C LYS B 115 19.80 -1.72 -47.15
N VAL B 116 18.80 -2.39 -46.57
CA VAL B 116 19.12 -3.34 -45.51
C VAL B 116 19.58 -4.61 -46.16
N VAL B 117 20.88 -4.81 -45.94
CA VAL B 117 21.70 -5.92 -46.45
C VAL B 117 21.07 -7.31 -46.34
MG MG C . -14.09 1.67 22.44
MG MG D . 1.50 -5.42 -21.93
#